data_4RDJ
#
_entry.id   4RDJ
#
_cell.length_a   139.867
_cell.length_b   139.867
_cell.length_c   64.743
_cell.angle_alpha   90.00
_cell.angle_beta   90.00
_cell.angle_gamma   120.00
#
_symmetry.space_group_name_H-M   'P 61'
#
loop_
_entity.id
_entity.type
_entity.pdbx_description
1 polymer Capsid
2 water water
#
_entity_poly.entity_id   1
_entity_poly.type   'polypeptide(L)'
_entity_poly.pdbx_seq_one_letter_code
;GPLGSPEFQRTKPFSVPNIPMNLMSNSRVPMLIDGMMVSNDQNQVPQFQNGRVTLDGQLQGTTTVSAACIARMRGRIFNN
NGNYGVNLAELDGNPYHAFDSPAPLGFPDFGNCDLHMTFVKINPTELSTGDPSGKVVIHSYDATFAPHLGTVKLEDNNEL
DQFVGKEVVLELTWVSNRTGATLNLWAVPNYGSNLTQASQLAPPIYPPGFGEAIVYFTSTFPTVSNPKVPCTLPQEFVSH
FVNEQAPTRGDAALLHYVDPDTHRNLGEFKMYPEGYMTCVPNAGGGPQTLPINGVFVFISWVSRYYQL
;
_entity_poly.pdbx_strand_id   A,B
#
# COMPACT_ATOMS: atom_id res chain seq x y z
N LYS A 12 -27.43 -8.37 -1.96
CA LYS A 12 -26.54 -7.74 -0.98
C LYS A 12 -26.57 -6.23 -1.08
N PRO A 13 -26.82 -5.55 0.05
CA PRO A 13 -26.86 -4.08 0.09
C PRO A 13 -25.52 -3.45 -0.26
N PHE A 14 -25.57 -2.41 -1.05
CA PHE A 14 -24.39 -1.63 -1.39
C PHE A 14 -23.92 -0.86 -0.15
N SER A 15 -22.62 -0.59 -0.09
CA SER A 15 -22.05 0.21 0.99
C SER A 15 -20.72 0.76 0.55
N VAL A 16 -20.21 1.75 1.28
CA VAL A 16 -18.84 2.21 1.09
C VAL A 16 -18.09 2.04 2.40
N PRO A 17 -16.74 2.06 2.36
CA PRO A 17 -15.97 1.90 3.59
C PRO A 17 -16.34 2.92 4.66
N ASN A 18 -16.41 2.43 5.90
CA ASN A 18 -16.65 3.20 7.12
C ASN A 18 -15.40 3.97 7.58
N ILE A 19 -14.35 3.90 6.79
CA ILE A 19 -13.03 4.42 7.18
C ILE A 19 -12.90 5.92 6.89
N PRO A 20 -12.35 6.69 7.84
CA PRO A 20 -12.16 8.12 7.59
C PRO A 20 -11.31 8.35 6.33
N MET A 21 -11.64 9.39 5.58
CA MET A 21 -11.00 9.64 4.29
C MET A 21 -9.49 9.70 4.40
N ASN A 22 -9.00 10.36 5.44
CA ASN A 22 -7.56 10.58 5.60
C ASN A 22 -6.77 9.37 6.11
N LEU A 23 -7.46 8.24 6.27
CA LEU A 23 -6.77 6.96 6.57
C LEU A 23 -6.72 6.06 5.33
N MET A 24 -7.33 6.49 4.24
CA MET A 24 -7.33 5.72 3.01
C MET A 24 -6.26 6.20 2.03
N SER A 25 -5.88 5.32 1.10
CA SER A 25 -4.85 5.64 0.14
C SER A 25 -5.40 6.22 -1.17
N ASN A 26 -4.63 7.12 -1.77
CA ASN A 26 -4.78 7.48 -3.17
C ASN A 26 -4.76 6.19 -3.98
N SER A 27 -5.43 6.17 -5.13
CA SER A 27 -5.40 4.98 -5.99
C SER A 27 -4.37 5.07 -7.12
N ARG A 28 -3.71 6.22 -7.26
CA ARG A 28 -2.69 6.39 -8.32
C ARG A 28 -1.26 6.44 -7.78
N VAL A 29 -1.11 6.77 -6.51
CA VAL A 29 0.16 6.61 -5.80
C VAL A 29 -0.15 6.05 -4.43
N PRO A 30 0.79 5.31 -3.82
CA PRO A 30 0.53 4.78 -2.49
C PRO A 30 0.82 5.83 -1.41
N MET A 31 -0.14 6.73 -1.23
CA MET A 31 -0.02 7.83 -0.27
C MET A 31 -1.37 8.05 0.36
N LEU A 32 -1.37 8.41 1.63
CA LEU A 32 -2.64 8.77 2.27
C LEU A 32 -3.31 9.91 1.51
N ILE A 33 -4.64 9.88 1.49
CA ILE A 33 -5.43 11.00 0.97
C ILE A 33 -5.37 12.16 1.96
N ASP A 34 -5.08 13.37 1.45
CA ASP A 34 -5.02 14.54 2.31
C ASP A 34 -6.01 15.63 1.93
N GLY A 35 -6.94 15.26 1.05
CA GLY A 35 -7.99 16.21 0.68
C GLY A 35 -8.87 15.70 -0.43
N MET A 36 -9.89 16.48 -0.74
CA MET A 36 -10.64 16.28 -1.97
C MET A 36 -10.98 17.64 -2.56
N MET A 37 -11.17 17.67 -3.87
CA MET A 37 -11.40 18.92 -4.57
C MET A 37 -12.06 18.64 -5.91
N VAL A 38 -12.76 19.63 -6.45
CA VAL A 38 -13.14 19.57 -7.86
C VAL A 38 -12.03 20.24 -8.65
N SER A 39 -11.96 19.95 -9.95
CA SER A 39 -10.96 20.58 -10.79
C SER A 39 -11.33 22.03 -11.08
N ASN A 40 -10.32 22.88 -11.25
CA ASN A 40 -10.56 24.22 -11.76
C ASN A 40 -10.81 24.25 -13.27
N ASP A 41 -10.24 23.29 -13.99
CA ASP A 41 -10.49 23.14 -15.43
C ASP A 41 -11.52 22.03 -15.66
N GLN A 44 -9.99 19.56 -18.36
CA GLN A 44 -9.20 18.34 -18.25
C GLN A 44 -10.06 17.15 -17.87
N VAL A 45 -10.16 16.20 -18.80
CA VAL A 45 -10.98 15.01 -18.65
C VAL A 45 -10.19 13.91 -17.96
N PRO A 46 -10.73 13.36 -16.86
CA PRO A 46 -10.01 12.24 -16.23
C PRO A 46 -10.23 10.93 -16.99
N GLN A 47 -9.14 10.24 -17.25
CA GLN A 47 -9.19 8.89 -17.81
C GLN A 47 -8.09 8.07 -17.14
N PHE A 48 -8.04 8.17 -15.82
CA PHE A 48 -7.09 7.41 -15.03
C PHE A 48 -7.30 5.92 -15.28
N GLN A 49 -6.23 5.14 -15.20
CA GLN A 49 -6.33 3.70 -15.41
C GLN A 49 -6.25 2.93 -14.10
N ASN A 50 -5.69 3.59 -13.08
CA ASN A 50 -5.74 3.08 -11.72
C ASN A 50 -6.88 3.72 -10.95
N GLY A 51 -7.32 3.04 -9.90
CA GLY A 51 -8.49 3.45 -9.14
C GLY A 51 -9.81 3.35 -9.88
N ARG A 52 -9.87 2.49 -10.91
CA ARG A 52 -11.06 2.35 -11.75
C ARG A 52 -11.77 1.02 -11.46
N VAL A 53 -13.05 1.12 -11.12
CA VAL A 53 -13.86 -0.04 -10.78
C VAL A 53 -15.31 0.40 -10.83
N THR A 54 -16.21 -0.51 -11.20
CA THR A 54 -17.63 -0.20 -11.14
C THR A 54 -18.12 -0.33 -9.70
N LEU A 55 -19.26 0.26 -9.41
CA LEU A 55 -19.82 0.15 -8.07
C LEU A 55 -20.17 -1.29 -7.70
N ASP A 56 -20.43 -2.13 -8.71
CA ASP A 56 -20.69 -3.54 -8.44
C ASP A 56 -19.43 -4.43 -8.46
N GLY A 57 -18.26 -3.78 -8.46
CA GLY A 57 -17.01 -4.47 -8.20
C GLY A 57 -16.23 -5.05 -9.37
N GLN A 58 -16.45 -4.51 -10.57
CA GLN A 58 -15.70 -4.94 -11.76
C GLN A 58 -14.51 -4.03 -11.99
N LEU A 59 -13.30 -4.57 -11.79
CA LEU A 59 -12.09 -3.80 -11.99
C LEU A 59 -11.91 -3.36 -13.44
N GLN A 60 -11.37 -2.16 -13.64
CA GLN A 60 -11.13 -1.64 -14.98
C GLN A 60 -9.69 -1.16 -15.17
N GLY A 61 -9.29 -0.96 -16.42
CA GLY A 61 -7.97 -0.45 -16.73
C GLY A 61 -6.87 -1.31 -16.15
N THR A 62 -5.95 -0.68 -15.41
CA THR A 62 -4.85 -1.41 -14.78
C THR A 62 -5.10 -1.57 -13.29
N THR A 63 -6.34 -1.35 -12.86
CA THR A 63 -6.63 -1.33 -11.44
C THR A 63 -6.66 -2.73 -10.83
N THR A 64 -6.03 -2.87 -9.66
CA THR A 64 -6.14 -4.10 -8.91
C THR A 64 -6.58 -3.83 -7.46
N VAL A 65 -6.52 -4.86 -6.62
CA VAL A 65 -7.14 -4.80 -5.29
C VAL A 65 -6.30 -4.07 -4.23
N SER A 66 -5.02 -4.42 -4.12
CA SER A 66 -4.19 -3.95 -3.03
C SER A 66 -3.43 -2.65 -3.32
N ALA A 67 -3.44 -1.75 -2.34
CA ALA A 67 -2.62 -0.53 -2.43
C ALA A 67 -1.14 -0.84 -2.56
N ALA A 68 -0.74 -2.05 -2.19
CA ALA A 68 0.67 -2.45 -2.31
C ALA A 68 1.09 -2.57 -3.77
N CYS A 69 0.14 -2.55 -4.69
CA CYS A 69 0.46 -2.68 -6.11
C CYS A 69 0.54 -1.35 -6.85
N ILE A 70 0.11 -0.27 -6.21
CA ILE A 70 -0.05 0.98 -6.94
C ILE A 70 1.28 1.58 -7.41
N ALA A 71 1.33 1.90 -8.71
CA ALA A 71 2.46 2.59 -9.35
C ALA A 71 3.76 1.79 -9.28
N ARG A 72 3.64 0.47 -9.34
CA ARG A 72 4.80 -0.41 -9.37
C ARG A 72 4.88 -1.13 -10.70
N MET A 73 6.06 -1.65 -10.99
CA MET A 73 6.30 -2.49 -12.16
C MET A 73 7.11 -3.71 -11.73
N ARG A 74 7.09 -4.74 -12.57
CA ARG A 74 7.96 -5.89 -12.36
C ARG A 74 8.40 -6.42 -13.70
N GLY A 75 9.63 -6.91 -13.76
CA GLY A 75 10.06 -7.61 -14.96
C GLY A 75 11.54 -7.81 -15.04
N ARG A 76 12.01 -8.25 -16.21
CA ARG A 76 13.42 -8.59 -16.38
C ARG A 76 14.12 -7.50 -17.17
N ILE A 77 15.24 -7.01 -16.65
CA ILE A 77 15.99 -5.97 -17.33
C ILE A 77 16.75 -6.58 -18.51
N PHE A 78 16.69 -5.89 -19.65
CA PHE A 78 17.40 -6.34 -20.84
C PHE A 78 18.28 -5.25 -21.43
N ASN A 79 19.20 -5.66 -22.30
CA ASN A 79 20.03 -4.75 -23.07
C ASN A 79 20.08 -5.31 -24.49
N ASN A 80 19.51 -4.57 -25.44
CA ASN A 80 19.30 -5.06 -26.80
C ASN A 80 19.42 -3.89 -27.76
N ASN A 81 20.26 -4.05 -28.78
CA ASN A 81 20.40 -3.01 -29.79
C ASN A 81 20.81 -1.66 -29.21
N GLY A 82 21.70 -1.68 -28.22
CA GLY A 82 22.26 -0.47 -27.64
C GLY A 82 21.39 0.22 -26.59
N ASN A 83 20.27 -0.39 -26.25
CA ASN A 83 19.31 0.22 -25.34
C ASN A 83 18.86 -0.74 -24.24
N TYR A 84 18.62 -0.19 -23.05
CA TYR A 84 18.17 -0.99 -21.93
C TYR A 84 16.66 -0.93 -21.84
N GLY A 85 16.07 -1.93 -21.19
CA GLY A 85 14.64 -1.95 -20.99
C GLY A 85 14.21 -2.95 -19.96
N VAL A 86 12.90 -3.04 -19.76
CA VAL A 86 12.32 -4.09 -18.93
C VAL A 86 11.27 -4.86 -19.72
N ASN A 87 11.38 -6.19 -19.69
CA ASN A 87 10.30 -7.07 -20.14
C ASN A 87 9.33 -7.26 -18.98
N LEU A 88 8.13 -6.70 -19.12
CA LEU A 88 7.18 -6.64 -18.01
C LEU A 88 6.47 -7.95 -17.69
N ALA A 89 6.17 -8.10 -16.40
CA ALA A 89 5.31 -9.17 -15.90
C ALA A 89 4.32 -8.55 -14.92
N GLU A 90 3.36 -9.34 -14.45
CA GLU A 90 2.52 -8.90 -13.34
C GLU A 90 3.35 -8.84 -12.06
N LEU A 91 2.89 -8.10 -11.07
CA LEU A 91 3.68 -7.84 -9.87
C LEU A 91 3.99 -9.11 -9.06
N ASP A 92 3.18 -10.16 -9.24
CA ASP A 92 3.45 -11.42 -8.54
C ASP A 92 4.43 -12.32 -9.29
N GLY A 93 4.92 -11.85 -10.44
CA GLY A 93 5.86 -12.62 -11.23
C GLY A 93 5.23 -13.49 -12.31
N ASN A 94 3.91 -13.64 -12.28
CA ASN A 94 3.20 -14.32 -13.34
C ASN A 94 3.13 -13.46 -14.60
N PRO A 95 2.93 -14.08 -15.75
CA PRO A 95 3.04 -13.34 -17.01
C PRO A 95 1.94 -12.31 -17.22
N TYR A 96 2.31 -11.22 -17.88
CA TYR A 96 1.35 -10.23 -18.34
C TYR A 96 0.78 -10.68 -19.69
N HIS A 97 -0.54 -10.78 -19.77
CA HIS A 97 -1.27 -11.10 -21.00
C HIS A 97 -1.92 -9.83 -21.55
N ALA A 98 -1.57 -9.41 -22.76
CA ALA A 98 -2.06 -8.14 -23.29
C ALA A 98 -3.59 -8.06 -23.41
N PHE A 99 -4.26 -9.20 -23.52
CA PHE A 99 -5.71 -9.21 -23.69
C PHE A 99 -6.45 -8.64 -22.47
N ASP A 100 -5.87 -8.78 -21.29
CA ASP A 100 -6.59 -8.46 -20.05
C ASP A 100 -6.60 -6.98 -19.69
N SER A 101 -5.61 -6.21 -20.16
CA SER A 101 -5.46 -4.86 -19.68
C SER A 101 -4.45 -4.02 -20.47
N PRO A 102 -4.49 -2.70 -20.30
CA PRO A 102 -3.61 -1.79 -21.04
C PRO A 102 -2.15 -2.01 -20.70
N ALA A 103 -1.88 -2.53 -19.51
CA ALA A 103 -0.54 -2.78 -19.01
C ALA A 103 -0.68 -3.70 -17.81
N PRO A 104 0.43 -4.18 -17.25
CA PRO A 104 0.29 -4.99 -16.03
C PRO A 104 -0.47 -4.24 -14.93
N LEU A 105 -1.18 -4.96 -14.09
CA LEU A 105 -1.96 -4.30 -13.05
C LEU A 105 -1.06 -3.49 -12.13
N GLY A 106 -1.53 -2.29 -11.77
CA GLY A 106 -0.79 -1.38 -10.91
C GLY A 106 0.19 -0.46 -11.62
N PHE A 107 0.45 -0.73 -12.89
CA PHE A 107 1.41 0.05 -13.67
C PHE A 107 1.09 1.56 -13.55
N PRO A 108 2.11 2.40 -13.33
CA PRO A 108 1.84 3.83 -13.21
C PRO A 108 1.02 4.38 -14.37
N ASP A 109 0.02 5.22 -14.08
CA ASP A 109 -0.80 5.80 -15.15
C ASP A 109 -0.50 7.29 -15.37
N PHE A 110 0.76 7.66 -15.16
CA PHE A 110 1.24 9.01 -15.46
C PHE A 110 1.88 9.02 -16.85
N GLY A 111 1.31 9.82 -17.74
CA GLY A 111 1.71 9.81 -19.13
C GLY A 111 2.53 11.02 -19.54
N ASN A 112 3.38 10.82 -20.55
CA ASN A 112 4.19 11.88 -21.15
C ASN A 112 5.12 12.55 -20.15
N CYS A 113 5.71 11.78 -19.26
CA CYS A 113 6.59 12.32 -18.24
C CYS A 113 7.71 11.36 -17.88
N ASP A 114 8.57 11.80 -16.97
CA ASP A 114 9.74 11.02 -16.59
C ASP A 114 9.47 10.34 -15.25
N LEU A 115 9.42 9.00 -15.26
CA LEU A 115 9.16 8.24 -14.06
C LEU A 115 10.48 7.86 -13.40
N HIS A 116 10.74 8.36 -12.21
CA HIS A 116 11.98 8.04 -11.52
C HIS A 116 11.71 6.87 -10.60
N MET A 117 12.23 5.70 -10.98
CA MET A 117 11.94 4.46 -10.26
C MET A 117 13.08 4.02 -9.39
N THR A 118 12.74 3.45 -8.24
CA THR A 118 13.70 2.72 -7.43
C THR A 118 13.36 1.23 -7.63
N PHE A 119 14.37 0.38 -7.71
CA PHE A 119 14.12 -1.04 -7.92
C PHE A 119 15.02 -1.94 -7.10
N VAL A 120 14.55 -3.17 -6.91
CA VAL A 120 15.34 -4.20 -6.26
C VAL A 120 15.21 -5.51 -7.03
N LYS A 121 16.28 -6.28 -7.05
CA LYS A 121 16.20 -7.67 -7.52
C LYS A 121 15.20 -8.43 -6.66
N ILE A 122 14.45 -9.34 -7.26
CA ILE A 122 13.37 -10.00 -6.55
C ILE A 122 13.45 -11.53 -6.55
N ASN A 123 14.39 -12.09 -7.30
CA ASN A 123 14.66 -13.53 -7.25
C ASN A 123 15.36 -13.87 -5.94
N PRO A 124 14.78 -14.79 -5.15
CA PRO A 124 15.44 -15.14 -3.88
C PRO A 124 16.92 -15.52 -4.04
N THR A 125 17.30 -16.12 -5.15
CA THR A 125 18.70 -16.53 -5.31
C THR A 125 19.63 -15.35 -5.52
N GLU A 126 19.04 -14.19 -5.80
CA GLU A 126 19.79 -12.96 -6.01
C GLU A 126 19.74 -12.09 -4.75
N LEU A 127 19.17 -12.64 -3.68
CA LEU A 127 18.98 -11.90 -2.45
C LEU A 127 19.64 -12.60 -1.27
N SER A 128 20.75 -13.28 -1.52
CA SER A 128 21.50 -13.96 -0.48
C SER A 128 22.55 -13.03 0.14
N THR A 129 23.19 -12.22 -0.69
CA THR A 129 24.20 -11.29 -0.24
C THR A 129 24.17 -10.04 -1.11
N GLY A 130 24.85 -8.99 -0.66
CA GLY A 130 25.03 -7.80 -1.47
C GLY A 130 23.88 -6.82 -1.44
N ASP A 131 24.01 -5.79 -2.27
CA ASP A 131 23.02 -4.72 -2.38
C ASP A 131 22.21 -4.98 -3.66
N PRO A 132 20.91 -5.27 -3.49
CA PRO A 132 20.07 -5.67 -4.63
C PRO A 132 19.41 -4.47 -5.33
N SER A 133 19.73 -3.26 -4.91
CA SER A 133 18.95 -2.09 -5.30
C SER A 133 19.59 -1.23 -6.38
N GLY A 134 18.75 -0.48 -7.07
CA GLY A 134 19.19 0.48 -8.05
C GLY A 134 18.11 1.51 -8.29
N LYS A 135 18.36 2.40 -9.24
CA LYS A 135 17.38 3.40 -9.64
C LYS A 135 17.49 3.60 -11.14
N VAL A 136 16.41 4.07 -11.74
CA VAL A 136 16.40 4.27 -13.19
C VAL A 136 15.25 5.19 -13.59
N VAL A 137 15.41 5.89 -14.71
CA VAL A 137 14.35 6.71 -15.25
C VAL A 137 13.67 6.00 -16.41
N ILE A 138 12.34 6.05 -16.42
CA ILE A 138 11.56 5.49 -17.51
C ILE A 138 10.65 6.58 -18.09
N HIS A 139 10.81 6.84 -19.39
CA HIS A 139 9.93 7.78 -20.08
C HIS A 139 8.59 7.13 -20.39
N SER A 140 7.49 7.77 -19.98
CA SER A 140 6.18 7.27 -20.39
C SER A 140 5.76 7.94 -21.71
N TYR A 141 6.65 7.84 -22.69
CA TYR A 141 6.46 8.44 -24.01
C TYR A 141 7.49 7.88 -24.98
N ASP A 142 7.32 8.20 -26.25
CA ASP A 142 8.08 7.63 -27.37
C ASP A 142 7.65 6.19 -27.68
N ALA A 143 7.95 5.75 -28.90
CA ALA A 143 7.51 4.44 -29.37
C ALA A 143 8.10 3.32 -28.51
N THR A 144 9.23 3.60 -27.87
CA THR A 144 9.88 2.60 -27.03
C THR A 144 9.19 2.44 -25.68
N PHE A 145 8.21 3.28 -25.39
CA PHE A 145 7.34 3.06 -24.24
C PHE A 145 6.17 2.22 -24.76
N ALA A 146 6.22 0.91 -24.51
CA ALA A 146 5.26 0.00 -25.10
C ALA A 146 4.78 -1.06 -24.09
N PRO A 147 4.31 -0.62 -22.91
CA PRO A 147 3.99 -1.61 -21.88
C PRO A 147 2.89 -2.58 -22.29
N HIS A 148 1.94 -2.14 -23.13
CA HIS A 148 0.91 -3.04 -23.62
C HIS A 148 1.51 -4.17 -24.47
N LEU A 149 2.65 -3.91 -25.10
CA LEU A 149 3.37 -4.91 -25.88
C LEU A 149 4.34 -5.69 -25.01
N GLY A 150 4.46 -5.29 -23.74
CA GLY A 150 5.29 -6.00 -22.81
C GLY A 150 6.67 -5.41 -22.52
N THR A 151 6.97 -4.25 -23.09
CA THR A 151 8.31 -3.68 -22.92
C THR A 151 8.31 -2.16 -22.72
N VAL A 152 9.24 -1.69 -21.89
CA VAL A 152 9.52 -0.27 -21.80
C VAL A 152 11.02 -0.04 -21.81
N LYS A 153 11.43 1.08 -22.40
CA LYS A 153 12.83 1.48 -22.42
C LYS A 153 13.22 2.10 -21.08
N LEU A 154 14.43 1.75 -20.62
CA LEU A 154 15.05 2.38 -19.47
C LEU A 154 16.14 3.34 -19.95
N GLU A 155 16.18 4.54 -19.38
CA GLU A 155 17.26 5.46 -19.69
C GLU A 155 18.57 4.92 -19.12
N ASP A 156 19.62 4.92 -19.92
CA ASP A 156 20.89 4.40 -19.44
C ASP A 156 21.53 5.37 -18.44
N ASN A 157 21.78 4.89 -17.23
CA ASN A 157 22.44 5.70 -16.20
C ASN A 157 23.82 5.16 -15.83
N ASN A 158 24.33 4.26 -16.67
CA ASN A 158 25.65 3.67 -16.46
C ASN A 158 25.73 2.71 -15.28
N GLU A 159 24.58 2.40 -14.67
CA GLU A 159 24.56 1.49 -13.54
C GLU A 159 23.55 0.36 -13.71
N LEU A 160 23.28 0.00 -14.96
CA LEU A 160 22.28 -1.04 -15.25
C LEU A 160 22.89 -2.38 -15.63
N ASP A 161 24.17 -2.39 -16.00
CA ASP A 161 24.77 -3.62 -16.52
C ASP A 161 24.67 -4.81 -15.58
N GLN A 162 24.88 -4.58 -14.29
CA GLN A 162 24.85 -5.68 -13.33
C GLN A 162 23.46 -6.32 -13.21
N PHE A 163 22.44 -5.62 -13.72
CA PHE A 163 21.06 -6.09 -13.60
C PHE A 163 20.53 -6.72 -14.87
N VAL A 164 21.31 -6.69 -15.95
CA VAL A 164 20.85 -7.30 -17.19
C VAL A 164 20.64 -8.79 -16.98
N GLY A 165 19.43 -9.25 -17.32
CA GLY A 165 19.05 -10.64 -17.13
C GLY A 165 18.39 -10.90 -15.78
N LYS A 166 18.35 -9.89 -14.93
CA LYS A 166 17.80 -10.07 -13.59
C LYS A 166 16.37 -9.58 -13.49
N GLU A 167 15.55 -10.30 -12.73
CA GLU A 167 14.19 -9.87 -12.46
C GLU A 167 14.16 -8.86 -11.32
N VAL A 168 13.44 -7.76 -11.53
CA VAL A 168 13.35 -6.72 -10.52
C VAL A 168 11.90 -6.28 -10.30
N VAL A 169 11.66 -5.70 -9.13
CA VAL A 169 10.42 -4.95 -8.91
C VAL A 169 10.80 -3.48 -8.78
N LEU A 170 10.01 -2.63 -9.43
CA LEU A 170 10.26 -1.20 -9.47
C LEU A 170 9.11 -0.46 -8.82
N GLU A 171 9.45 0.61 -8.12
CA GLU A 171 8.42 1.45 -7.53
CA GLU A 171 8.43 1.46 -7.53
C GLU A 171 8.66 2.90 -7.93
N LEU A 172 7.57 3.65 -8.04
CA LEU A 172 7.63 5.04 -8.44
C LEU A 172 8.07 5.93 -7.28
N THR A 173 9.30 6.41 -7.34
CA THR A 173 9.83 7.25 -6.27
C THR A 173 9.43 8.70 -6.46
N TRP A 174 9.60 9.22 -7.68
CA TRP A 174 9.16 10.57 -7.98
C TRP A 174 8.98 10.75 -9.49
N VAL A 175 8.41 11.88 -9.87
CA VAL A 175 8.07 12.13 -11.26
C VAL A 175 8.52 13.54 -11.64
N SER A 176 9.08 13.69 -12.83
CA SER A 176 9.36 15.01 -13.37
C SER A 176 8.76 15.18 -14.77
N ASN A 177 8.64 16.43 -15.21
CA ASN A 177 8.15 16.70 -16.55
C ASN A 177 9.13 16.20 -17.60
N ARG A 178 8.57 15.84 -18.75
CA ARG A 178 9.37 15.59 -19.95
C ARG A 178 9.95 16.92 -20.40
N THR A 179 11.22 16.96 -20.74
CA THR A 179 11.82 18.20 -21.23
C THR A 179 11.00 18.78 -22.37
N GLY A 180 10.72 20.08 -22.31
CA GLY A 180 9.96 20.74 -23.35
C GLY A 180 8.46 20.70 -23.11
N ALA A 181 8.03 20.00 -22.06
CA ALA A 181 6.60 19.85 -21.78
C ALA A 181 6.31 20.15 -20.31
N THR A 182 5.04 20.45 -20.00
CA THR A 182 4.64 20.55 -18.60
C THR A 182 4.20 19.19 -18.10
N LEU A 183 4.21 19.02 -16.78
CA LEU A 183 3.77 17.79 -16.16
C LEU A 183 2.24 17.79 -16.09
N ASN A 184 1.63 16.87 -16.83
CA ASN A 184 0.18 16.81 -16.95
C ASN A 184 -0.32 15.54 -16.30
N LEU A 185 -0.91 15.68 -15.11
CA LEU A 185 -1.36 14.54 -14.33
C LEU A 185 -2.66 13.93 -14.86
N TRP A 186 -3.20 14.52 -15.92
CA TRP A 186 -4.38 13.98 -16.59
C TRP A 186 -4.05 13.29 -17.92
N ALA A 187 -2.78 13.34 -18.34
CA ALA A 187 -2.37 12.67 -19.56
C ALA A 187 -2.54 11.16 -19.43
N VAL A 188 -3.06 10.52 -20.48
CA VAL A 188 -3.16 9.07 -20.51
C VAL A 188 -1.93 8.51 -21.20
N PRO A 189 -1.20 7.59 -20.53
CA PRO A 189 -0.03 6.97 -21.18
C PRO A 189 -0.40 6.29 -22.50
N ASN A 190 0.48 6.38 -23.49
CA ASN A 190 0.26 5.70 -24.76
C ASN A 190 0.73 4.26 -24.67
N TYR A 191 -0.04 3.44 -23.95
CA TYR A 191 0.39 2.09 -23.58
C TYR A 191 0.76 1.20 -24.76
N GLY A 192 0.04 1.36 -25.87
CA GLY A 192 0.22 0.49 -27.03
C GLY A 192 1.18 1.03 -28.07
N SER A 193 1.97 2.04 -27.70
CA SER A 193 2.97 2.59 -28.61
C SER A 193 2.31 3.00 -29.94
N ASN A 194 2.97 2.72 -31.06
CA ASN A 194 2.38 3.05 -32.37
C ASN A 194 1.64 1.87 -33.00
N LEU A 195 1.58 0.76 -32.27
CA LEU A 195 1.02 -0.48 -32.80
C LEU A 195 -0.50 -0.55 -32.71
N THR A 196 -1.03 -0.25 -31.52
CA THR A 196 -2.47 -0.40 -31.27
C THR A 196 -2.91 0.42 -30.08
N GLN A 197 -4.20 0.73 -30.04
CA GLN A 197 -4.77 1.29 -28.83
C GLN A 197 -4.89 0.14 -27.84
N ALA A 198 -4.40 0.36 -26.63
CA ALA A 198 -4.33 -0.70 -25.63
C ALA A 198 -5.72 -1.26 -25.34
N SER A 199 -5.78 -2.58 -25.14
CA SER A 199 -7.02 -3.26 -24.80
C SER A 199 -7.55 -2.79 -23.45
N GLN A 200 -8.87 -2.70 -23.34
CA GLN A 200 -9.51 -2.57 -22.05
C GLN A 200 -9.11 -1.32 -21.27
N LEU A 201 -8.93 -0.21 -21.97
CA LEU A 201 -8.73 1.06 -21.30
C LEU A 201 -10.01 1.41 -20.54
N ALA A 202 -9.86 1.87 -19.31
CA ALA A 202 -10.97 2.44 -18.59
C ALA A 202 -11.35 3.72 -19.34
N PRO A 203 -12.65 3.98 -19.48
CA PRO A 203 -13.12 5.10 -20.31
C PRO A 203 -12.91 6.46 -19.66
N PRO A 204 -12.91 7.53 -20.47
CA PRO A 204 -12.89 8.88 -19.89
C PRO A 204 -14.19 9.14 -19.14
N ILE A 205 -14.15 10.05 -18.18
CA ILE A 205 -15.33 10.39 -17.40
C ILE A 205 -15.75 11.83 -17.60
N TYR A 206 -17.04 12.03 -17.80
CA TYR A 206 -17.63 13.36 -17.94
C TYR A 206 -18.71 13.56 -16.89
N PRO A 207 -18.81 14.80 -16.37
CA PRO A 207 -19.82 15.12 -15.36
C PRO A 207 -21.23 15.08 -15.97
N PRO A 208 -22.23 14.73 -15.14
CA PRO A 208 -23.59 14.43 -15.62
C PRO A 208 -24.52 15.62 -15.79
N GLY A 209 -24.17 16.78 -15.24
CA GLY A 209 -25.08 17.92 -15.25
C GLY A 209 -25.56 18.26 -13.85
N PHE A 210 -26.63 19.05 -13.78
CA PHE A 210 -27.23 19.41 -12.48
C PHE A 210 -26.25 20.15 -11.57
N GLY A 211 -25.30 20.84 -12.19
CA GLY A 211 -24.32 21.63 -11.47
C GLY A 211 -23.19 20.79 -10.93
N GLU A 212 -23.19 19.51 -11.27
CA GLU A 212 -22.25 18.57 -10.64
C GLU A 212 -20.87 18.61 -11.24
N ALA A 213 -19.88 18.38 -10.38
CA ALA A 213 -18.48 18.33 -10.78
C ALA A 213 -17.86 17.08 -10.21
N ILE A 214 -16.96 16.47 -10.98
CA ILE A 214 -16.24 15.29 -10.54
C ILE A 214 -15.35 15.63 -9.34
N VAL A 215 -15.39 14.74 -8.34
CA VAL A 215 -14.55 14.89 -7.15
C VAL A 215 -13.24 14.13 -7.31
N TYR A 216 -12.14 14.81 -6.98
CA TYR A 216 -10.83 14.18 -6.95
C TYR A 216 -10.31 14.09 -5.52
N PHE A 217 -9.80 12.91 -5.18
CA PHE A 217 -9.11 12.71 -3.93
C PHE A 217 -7.64 12.98 -4.15
N THR A 218 -7.04 13.77 -3.28
CA THR A 218 -5.69 14.27 -3.48
C THR A 218 -4.70 13.70 -2.50
N SER A 219 -3.44 13.61 -2.94
CA SER A 219 -2.32 13.33 -2.06
C SER A 219 -1.14 14.21 -2.44
N THR A 220 -0.44 14.72 -1.43
CA THR A 220 0.84 15.38 -1.70
C THR A 220 1.87 14.29 -2.00
N PHE A 221 2.58 14.47 -3.11
CA PHE A 221 3.47 13.43 -3.63
C PHE A 221 4.47 14.15 -4.52
N PRO A 222 5.70 13.61 -4.64
CA PRO A 222 6.74 14.27 -5.45
C PRO A 222 6.58 14.14 -6.97
N THR A 223 5.41 14.55 -7.47
CA THR A 223 5.25 14.89 -8.88
C THR A 223 5.74 16.34 -8.96
N VAL A 224 7.04 16.48 -9.23
CA VAL A 224 7.71 17.77 -9.12
C VAL A 224 7.19 18.75 -10.16
N SER A 225 6.84 19.95 -9.68
CA SER A 225 6.18 21.03 -10.43
C SER A 225 4.65 20.99 -10.28
N ASN A 226 4.12 19.88 -9.77
CA ASN A 226 2.70 19.78 -9.45
C ASN A 226 2.44 18.68 -8.43
N PRO A 227 2.81 18.94 -7.17
CA PRO A 227 2.90 17.89 -6.14
C PRO A 227 1.57 17.56 -5.48
N LYS A 228 0.51 17.50 -6.27
CA LYS A 228 -0.80 17.14 -5.75
C LYS A 228 -1.42 16.16 -6.74
N VAL A 229 -1.40 14.88 -6.39
CA VAL A 229 -1.88 13.84 -7.28
C VAL A 229 -3.37 13.61 -7.07
N PRO A 230 -4.17 13.81 -8.14
CA PRO A 230 -5.62 13.58 -8.06
C PRO A 230 -5.98 12.17 -8.51
N CYS A 231 -6.98 11.57 -7.86
CA CYS A 231 -7.53 10.30 -8.32
C CYS A 231 -9.05 10.33 -8.15
N THR A 232 -9.75 9.39 -8.77
CA THR A 232 -11.21 9.44 -8.72
C THR A 232 -11.86 8.54 -7.67
N LEU A 233 -11.07 7.65 -7.06
CA LEU A 233 -11.53 6.85 -5.91
C LEU A 233 -10.39 6.52 -4.96
N PRO A 234 -10.67 6.51 -3.65
CA PRO A 234 -9.70 5.95 -2.70
C PRO A 234 -9.47 4.47 -3.01
N GLN A 235 -8.24 3.99 -2.82
CA GLN A 235 -7.97 2.59 -3.13
C GLN A 235 -8.85 1.65 -2.33
N GLU A 236 -9.12 1.99 -1.08
CA GLU A 236 -9.89 1.10 -0.23
C GLU A 236 -11.37 1.05 -0.66
N PHE A 237 -11.83 2.05 -1.40
CA PHE A 237 -13.15 1.93 -2.04
C PHE A 237 -13.11 0.84 -3.10
N VAL A 238 -12.03 0.81 -3.87
CA VAL A 238 -11.90 -0.20 -4.91
C VAL A 238 -11.96 -1.62 -4.33
N SER A 239 -11.12 -1.90 -3.33
CA SER A 239 -11.13 -3.24 -2.74
C SER A 239 -12.47 -3.56 -2.08
N HIS A 240 -13.12 -2.54 -1.50
CA HIS A 240 -14.42 -2.72 -0.89
C HIS A 240 -15.43 -3.20 -1.93
N PHE A 241 -15.48 -2.53 -3.08
CA PHE A 241 -16.47 -2.90 -4.10
C PHE A 241 -16.16 -4.28 -4.69
N VAL A 242 -14.89 -4.59 -4.88
CA VAL A 242 -14.51 -5.91 -5.37
C VAL A 242 -14.95 -6.98 -4.37
N ASN A 243 -14.71 -6.71 -3.08
CA ASN A 243 -15.14 -7.63 -2.03
C ASN A 243 -16.65 -7.85 -1.98
N GLU A 244 -17.40 -6.77 -2.08
CA GLU A 244 -18.85 -6.81 -1.88
C GLU A 244 -19.62 -7.35 -3.09
N GLN A 245 -19.23 -6.92 -4.29
CA GLN A 245 -19.97 -7.29 -5.49
C GLN A 245 -21.47 -6.99 -5.33
N ALA A 246 -21.79 -5.83 -4.76
CA ALA A 246 -23.18 -5.47 -4.52
C ALA A 246 -23.84 -4.98 -5.81
N PRO A 247 -24.99 -5.56 -6.18
CA PRO A 247 -25.65 -5.11 -7.40
C PRO A 247 -26.01 -3.62 -7.35
N THR A 248 -25.83 -2.95 -8.48
CA THR A 248 -26.18 -1.54 -8.59
C THR A 248 -27.69 -1.43 -8.81
N ARG A 249 -28.37 -0.67 -7.96
CA ARG A 249 -29.83 -0.65 -7.96
C ARG A 249 -30.45 0.72 -8.23
N GLY A 250 -29.67 1.66 -8.75
CA GLY A 250 -30.19 2.98 -9.10
C GLY A 250 -29.24 3.76 -9.98
N ASP A 251 -29.65 4.96 -10.38
CA ASP A 251 -28.81 5.82 -11.23
C ASP A 251 -27.53 6.24 -10.50
N ALA A 252 -27.65 6.51 -9.21
CA ALA A 252 -26.53 7.02 -8.41
C ALA A 252 -26.67 6.60 -6.96
N ALA A 253 -25.52 6.44 -6.29
CA ALA A 253 -25.51 6.14 -4.88
C ALA A 253 -25.27 7.44 -4.12
N LEU A 254 -26.25 7.85 -3.32
CA LEU A 254 -26.12 9.05 -2.51
C LEU A 254 -25.24 8.73 -1.30
N LEU A 255 -24.17 9.52 -1.14
CA LEU A 255 -23.32 9.42 0.05
C LEU A 255 -23.42 10.69 0.87
N HIS A 256 -23.36 10.53 2.19
CA HIS A 256 -23.13 11.66 3.07
C HIS A 256 -21.74 11.55 3.66
N TYR A 257 -21.02 12.66 3.64
CA TYR A 257 -19.70 12.74 4.24
C TYR A 257 -19.91 13.30 5.64
N VAL A 258 -19.71 12.45 6.64
CA VAL A 258 -20.14 12.79 7.99
C VAL A 258 -19.00 13.01 8.97
N ASP A 259 -19.28 13.81 9.99
CA ASP A 259 -18.35 13.99 11.11
C ASP A 259 -18.11 12.62 11.73
N PRO A 260 -16.84 12.27 11.97
CA PRO A 260 -16.53 10.90 12.38
C PRO A 260 -17.01 10.56 13.78
N ASP A 261 -17.35 11.57 14.56
CA ASP A 261 -17.80 11.33 15.93
C ASP A 261 -19.28 11.59 16.15
N THR A 262 -19.82 12.64 15.53
CA THR A 262 -21.23 12.97 15.71
C THR A 262 -22.09 12.38 14.59
N HIS A 263 -21.44 12.02 13.49
CA HIS A 263 -22.11 11.45 12.31
C HIS A 263 -23.06 12.45 11.65
N ARG A 264 -22.91 13.72 11.99
CA ARG A 264 -23.66 14.76 11.30
C ARG A 264 -23.16 14.90 9.87
N ASN A 265 -24.10 15.05 8.93
CA ASN A 265 -23.76 15.23 7.54
C ASN A 265 -23.07 16.58 7.29
N LEU A 266 -21.91 16.52 6.63
CA LEU A 266 -21.13 17.72 6.29
C LEU A 266 -21.25 18.08 4.82
N GLY A 267 -21.69 17.14 4.00
CA GLY A 267 -21.83 17.37 2.58
C GLY A 267 -22.27 16.13 1.82
N GLU A 268 -23.08 16.33 0.79
CA GLU A 268 -23.59 15.23 0.00
C GLU A 268 -22.80 15.00 -1.27
N PHE A 269 -22.72 13.73 -1.68
CA PHE A 269 -22.05 13.34 -2.91
C PHE A 269 -22.89 12.30 -3.65
N LYS A 270 -22.79 12.27 -4.97
CA LYS A 270 -23.43 11.22 -5.77
C LYS A 270 -22.37 10.37 -6.45
N MET A 271 -22.42 9.07 -6.21
CA MET A 271 -21.48 8.16 -6.83
C MET A 271 -22.17 7.47 -7.98
N TYR A 272 -21.56 7.46 -9.16
CA TYR A 272 -22.18 6.87 -10.33
C TYR A 272 -21.64 5.48 -10.60
N PRO A 273 -22.42 4.63 -11.30
CA PRO A 273 -22.09 3.21 -11.50
C PRO A 273 -20.70 3.00 -12.08
N GLU A 274 -20.24 3.96 -12.89
CA GLU A 274 -18.93 3.87 -13.54
C GLU A 274 -17.77 3.98 -12.55
N GLY A 275 -18.07 4.35 -11.31
CA GLY A 275 -17.06 4.36 -10.26
C GLY A 275 -16.35 5.70 -10.05
N TYR A 276 -17.12 6.76 -9.86
CA TYR A 276 -16.57 8.05 -9.50
C TYR A 276 -17.67 8.79 -8.78
N MET A 277 -17.34 9.91 -8.16
CA MET A 277 -18.39 10.68 -7.50
C MET A 277 -18.37 12.15 -7.86
N THR A 278 -19.51 12.79 -7.65
CA THR A 278 -19.65 14.22 -7.92
C THR A 278 -20.17 14.95 -6.70
N CYS A 279 -20.05 16.27 -6.75
CA CYS A 279 -20.66 17.15 -5.77
C CYS A 279 -21.11 18.39 -6.51
N VAL A 280 -21.86 19.25 -5.83
CA VAL A 280 -22.01 20.61 -6.29
C VAL A 280 -21.17 21.45 -5.34
N PRO A 281 -20.04 21.98 -5.83
CA PRO A 281 -19.10 22.64 -4.93
C PRO A 281 -19.57 24.02 -4.54
N ASN A 282 -18.97 24.56 -3.48
CA ASN A 282 -19.13 25.97 -3.14
C ASN A 282 -20.56 26.33 -2.74
N ALA A 283 -21.20 25.46 -1.97
CA ALA A 283 -22.53 25.74 -1.45
C ALA A 283 -22.50 26.90 -0.46
N GLY A 286 -20.84 32.61 2.52
CA GLY A 286 -20.17 31.91 3.60
C GLY A 286 -19.09 30.96 3.10
N PRO A 287 -17.83 31.42 3.11
CA PRO A 287 -16.69 30.54 2.83
C PRO A 287 -16.61 29.45 3.87
N GLN A 288 -16.25 28.23 3.46
CA GLN A 288 -16.14 27.11 4.37
C GLN A 288 -15.22 26.05 3.82
N THR A 289 -14.60 25.28 4.70
CA THR A 289 -13.73 24.20 4.30
C THR A 289 -14.17 22.91 4.99
N LEU A 290 -14.33 21.84 4.22
CA LEU A 290 -14.65 20.54 4.80
C LEU A 290 -13.40 19.96 5.47
N PRO A 291 -13.59 19.25 6.58
CA PRO A 291 -12.45 18.57 7.21
C PRO A 291 -12.05 17.35 6.38
N ILE A 292 -10.86 16.81 6.62
CA ILE A 292 -10.38 15.69 5.82
C ILE A 292 -10.54 14.35 6.53
N ASN A 293 -11.10 14.38 7.75
CA ASN A 293 -11.23 13.16 8.55
C ASN A 293 -12.67 12.67 8.66
N GLY A 294 -13.51 13.07 7.71
CA GLY A 294 -14.89 12.62 7.67
C GLY A 294 -15.01 11.20 7.13
N VAL A 295 -16.20 10.64 7.27
CA VAL A 295 -16.48 9.27 6.84
C VAL A 295 -17.61 9.28 5.83
N PHE A 296 -17.42 8.62 4.68
CA PHE A 296 -18.51 8.51 3.71
C PHE A 296 -19.47 7.41 4.13
N VAL A 297 -20.77 7.71 4.04
CA VAL A 297 -21.81 6.76 4.39
C VAL A 297 -22.82 6.68 3.26
N PHE A 298 -23.08 5.48 2.78
CA PHE A 298 -24.11 5.26 1.78
C PHE A 298 -25.49 5.46 2.41
N ILE A 299 -26.28 6.38 1.82
CA ILE A 299 -27.62 6.68 2.30
C ILE A 299 -28.62 5.83 1.52
N SER A 300 -28.63 5.98 0.21
CA SER A 300 -29.55 5.21 -0.63
C SER A 300 -29.23 5.39 -2.10
N TRP A 301 -29.78 4.50 -2.93
CA TRP A 301 -29.81 4.73 -4.36
C TRP A 301 -30.80 5.85 -4.64
N VAL A 302 -30.41 6.77 -5.52
CA VAL A 302 -31.25 7.89 -5.89
C VAL A 302 -31.26 8.05 -7.40
N SER A 303 -32.22 8.83 -7.92
CA SER A 303 -32.28 9.05 -9.34
C SER A 303 -31.23 10.05 -9.77
N ARG A 304 -30.92 10.06 -11.07
CA ARG A 304 -29.93 10.98 -11.60
C ARG A 304 -30.35 12.42 -11.38
N TYR A 305 -31.64 12.64 -11.14
CA TYR A 305 -32.19 13.99 -10.96
C TYR A 305 -32.06 14.52 -9.54
N TYR A 306 -31.59 13.69 -8.62
CA TYR A 306 -31.37 14.14 -7.24
C TYR A 306 -30.49 15.39 -7.25
N GLN A 307 -30.98 16.47 -6.67
CA GLN A 307 -30.28 17.76 -6.74
C GLN A 307 -29.42 18.01 -5.51
N LEU A 308 -28.10 18.11 -5.71
CA LEU A 308 -27.20 18.40 -4.61
C LEU A 308 -27.17 19.90 -4.33
N LYS B 12 -22.99 -6.19 13.60
CA LYS B 12 -22.66 -6.78 12.31
C LYS B 12 -22.18 -8.23 12.47
N PRO B 13 -22.58 -9.10 11.55
CA PRO B 13 -22.04 -10.46 11.53
C PRO B 13 -20.58 -10.43 11.13
N PHE B 14 -19.78 -11.32 11.69
CA PHE B 14 -18.36 -11.37 11.41
C PHE B 14 -18.09 -11.94 10.01
N SER B 15 -17.01 -11.49 9.39
CA SER B 15 -16.58 -12.05 8.12
C SER B 15 -15.10 -11.73 7.89
N VAL B 16 -14.50 -12.43 6.94
CA VAL B 16 -13.15 -12.10 6.48
C VAL B 16 -13.23 -11.72 5.00
N PRO B 17 -12.19 -11.03 4.48
CA PRO B 17 -12.25 -10.59 3.09
C PRO B 17 -12.54 -11.73 2.11
N ASN B 18 -13.43 -11.43 1.15
CA ASN B 18 -13.74 -12.27 0.02
C ASN B 18 -12.78 -11.95 -1.13
N ILE B 19 -11.48 -12.05 -0.84
CA ILE B 19 -10.41 -11.72 -1.79
C ILE B 19 -9.37 -12.83 -1.74
N PRO B 20 -8.92 -13.32 -2.91
CA PRO B 20 -7.89 -14.36 -2.90
C PRO B 20 -6.62 -13.91 -2.16
N MET B 21 -6.01 -14.83 -1.44
CA MET B 21 -4.85 -14.51 -0.60
C MET B 21 -3.73 -13.83 -1.39
N ASN B 22 -3.51 -14.27 -2.61
CA ASN B 22 -2.39 -13.75 -3.41
C ASN B 22 -2.67 -12.39 -4.06
N LEU B 23 -3.84 -11.81 -3.76
CA LEU B 23 -4.14 -10.44 -4.16
C LEU B 23 -4.00 -9.48 -2.99
N MET B 24 -3.73 -10.02 -1.79
CA MET B 24 -3.61 -9.21 -0.60
C MET B 24 -2.15 -8.94 -0.26
N SER B 25 -1.93 -7.86 0.50
CA SER B 25 -0.58 -7.46 0.90
C SER B 25 -0.14 -8.08 2.22
N ASN B 26 1.16 -8.34 2.32
CA ASN B 26 1.81 -8.53 3.59
C ASN B 26 1.49 -7.31 4.48
N SER B 27 1.44 -7.51 5.79
CA SER B 27 1.24 -6.38 6.69
C SER B 27 2.53 -5.76 7.25
N ARG B 28 3.69 -6.36 6.95
CA ARG B 28 4.97 -5.82 7.42
C ARG B 28 5.79 -5.15 6.31
N VAL B 29 5.53 -5.51 5.07
CA VAL B 29 6.07 -4.82 3.90
C VAL B 29 4.95 -4.71 2.89
N PRO B 30 4.96 -3.67 2.05
CA PRO B 30 3.92 -3.55 1.02
C PRO B 30 4.27 -4.42 -0.19
N MET B 31 3.93 -5.70 -0.07
CA MET B 31 4.22 -6.70 -1.08
C MET B 31 3.12 -7.72 -1.05
N LEU B 32 2.69 -8.18 -2.22
CA LEU B 32 1.68 -9.23 -2.26
C LEU B 32 2.15 -10.48 -1.50
N ILE B 33 1.19 -11.16 -0.90
CA ILE B 33 1.45 -12.43 -0.24
C ILE B 33 1.69 -13.50 -1.31
N ASP B 34 2.78 -14.26 -1.18
CA ASP B 34 3.05 -15.33 -2.13
C ASP B 34 3.24 -16.68 -1.47
N GLY B 35 2.84 -16.78 -0.20
CA GLY B 35 2.90 -18.06 0.49
C GLY B 35 2.33 -18.03 1.89
N MET B 36 2.20 -19.22 2.47
CA MET B 36 1.92 -19.41 3.89
C MET B 36 3.00 -20.35 4.41
N MET B 37 3.28 -20.25 5.71
CA MET B 37 4.25 -21.13 6.35
C MET B 37 3.94 -21.27 7.83
N VAL B 38 4.49 -22.31 8.44
CA VAL B 38 4.56 -22.37 9.90
C VAL B 38 6.03 -22.20 10.25
N SER B 39 6.31 -21.72 11.45
CA SER B 39 7.70 -21.47 11.83
C SER B 39 8.47 -22.77 12.01
N ASN B 40 9.76 -22.73 11.69
CA ASN B 40 10.66 -23.87 11.86
C ASN B 40 10.56 -24.43 13.27
N ASP B 41 10.65 -23.55 14.25
CA ASP B 41 10.38 -23.87 15.65
C ASP B 41 8.95 -23.47 15.91
N GLN B 42 8.04 -24.44 16.08
CA GLN B 42 6.63 -24.10 16.22
C GLN B 42 6.28 -23.45 17.56
N ASN B 43 7.26 -23.33 18.44
CA ASN B 43 7.10 -22.55 19.67
C ASN B 43 7.63 -21.11 19.59
N GLN B 44 8.09 -20.69 18.41
CA GLN B 44 8.52 -19.31 18.20
CA GLN B 44 8.53 -19.32 18.22
C GLN B 44 7.38 -18.35 18.51
N VAL B 45 7.68 -17.31 19.29
CA VAL B 45 6.69 -16.30 19.65
C VAL B 45 6.85 -15.06 18.77
N PRO B 46 5.87 -14.79 17.90
CA PRO B 46 5.91 -13.54 17.12
C PRO B 46 5.36 -12.38 17.95
N GLN B 47 5.93 -11.21 17.75
CA GLN B 47 5.41 -10.00 18.37
C GLN B 47 5.56 -8.85 17.38
N PHE B 48 5.08 -9.08 16.18
CA PHE B 48 5.09 -8.05 15.15
C PHE B 48 4.26 -6.87 15.64
N GLN B 49 4.60 -5.68 15.16
CA GLN B 49 3.92 -4.46 15.56
C GLN B 49 3.00 -3.94 14.45
N ASN B 50 3.26 -4.39 13.23
CA ASN B 50 2.35 -4.14 12.11
C ASN B 50 1.50 -5.37 11.84
N GLY B 51 0.35 -5.16 11.21
CA GLY B 51 -0.61 -6.22 10.97
C GLY B 51 -1.30 -6.73 12.22
N ARG B 52 -1.35 -5.89 13.26
CA ARG B 52 -1.93 -6.29 14.53
C ARG B 52 -3.28 -5.62 14.76
N VAL B 53 -4.31 -6.44 14.92
CA VAL B 53 -5.67 -5.95 15.10
C VAL B 53 -6.47 -7.07 15.72
N THR B 54 -7.46 -6.72 16.53
CA THR B 54 -8.36 -7.72 17.08
C THR B 54 -9.44 -8.05 16.05
N LEU B 55 -10.12 -9.17 16.24
CA LEU B 55 -11.18 -9.56 15.31
C LEU B 55 -12.32 -8.55 15.30
N ASP B 56 -12.50 -7.79 16.38
CA ASP B 56 -13.52 -6.74 16.40
C ASP B 56 -12.99 -5.35 16.00
N GLY B 57 -11.81 -5.32 15.39
CA GLY B 57 -11.33 -4.13 14.71
C GLY B 57 -10.54 -3.12 15.53
N GLN B 58 -9.92 -3.55 16.63
CA GLN B 58 -9.08 -2.66 17.42
C GLN B 58 -7.62 -2.77 17.00
N LEU B 59 -7.08 -1.69 16.46
CA LEU B 59 -5.69 -1.68 16.02
C LEU B 59 -4.72 -1.73 17.20
N GLN B 60 -3.58 -2.38 17.00
CA GLN B 60 -2.54 -2.47 18.02
C GLN B 60 -1.16 -2.15 17.42
N GLY B 61 -0.19 -1.86 18.30
CA GLY B 61 1.16 -1.59 17.85
C GLY B 61 1.23 -0.36 16.95
N THR B 62 1.92 -0.49 15.82
CA THR B 62 2.04 0.58 14.85
C THR B 62 1.14 0.34 13.64
N THR B 63 0.18 -0.57 13.79
CA THR B 63 -0.68 -0.95 12.68
C THR B 63 -1.57 0.17 12.18
N THR B 64 -1.65 0.29 10.85
CA THR B 64 -2.50 1.27 10.18
C THR B 64 -3.61 0.57 9.42
N VAL B 65 -4.57 1.37 8.96
CA VAL B 65 -5.62 0.86 8.10
C VAL B 65 -5.07 0.51 6.72
N SER B 66 -4.34 1.45 6.12
CA SER B 66 -3.92 1.32 4.72
C SER B 66 -2.55 0.67 4.51
N ALA B 67 -2.46 -0.18 3.50
CA ALA B 67 -1.17 -0.73 3.08
C ALA B 67 -0.21 0.37 2.62
N ALA B 68 -0.74 1.53 2.27
CA ALA B 68 0.11 2.63 1.81
C ALA B 68 1.04 3.16 2.91
N CYS B 69 0.77 2.77 4.16
CA CYS B 69 1.57 3.25 5.28
C CYS B 69 2.66 2.27 5.73
N ILE B 70 2.58 1.04 5.24
CA ILE B 70 3.46 -0.02 5.77
C ILE B 70 4.95 0.25 5.53
N ALA B 71 5.71 0.20 6.62
CA ALA B 71 7.17 0.30 6.59
C ALA B 71 7.69 1.64 6.09
N ARG B 72 6.96 2.70 6.42
CA ARG B 72 7.36 4.05 6.06
C ARG B 72 7.62 4.89 7.31
N MET B 73 8.34 6.00 7.11
CA MET B 73 8.59 6.95 8.18
C MET B 73 8.41 8.35 7.62
N ARG B 74 8.26 9.33 8.51
CA ARG B 74 8.20 10.73 8.10
C ARG B 74 8.84 11.57 9.17
N GLY B 75 9.51 12.65 8.77
CA GLY B 75 10.03 13.58 9.76
C GLY B 75 11.00 14.56 9.16
N ARG B 76 11.60 15.37 10.02
CA ARG B 76 12.52 16.41 9.58
C ARG B 76 13.93 15.97 9.90
N ILE B 77 14.80 16.03 8.90
CA ILE B 77 16.19 15.61 9.08
C ILE B 77 16.95 16.67 9.86
N PHE B 78 17.77 16.23 10.81
CA PHE B 78 18.58 17.14 11.59
C PHE B 78 20.04 16.73 11.60
N ASN B 79 20.90 17.67 11.97
CA ASN B 79 22.32 17.43 12.10
C ASN B 79 22.79 18.07 13.39
N ASN B 80 23.07 17.24 14.39
CA ASN B 80 23.61 17.73 15.65
C ASN B 80 25.09 17.37 15.76
N ASN B 81 25.95 18.34 15.45
CA ASN B 81 27.39 18.17 15.60
C ASN B 81 27.91 16.95 14.83
N GLY B 82 27.36 16.73 13.64
CA GLY B 82 27.80 15.62 12.81
C GLY B 82 27.05 14.33 13.06
N ASN B 83 26.11 14.37 14.01
CA ASN B 83 25.19 13.25 14.21
C ASN B 83 23.88 13.56 13.49
N TYR B 84 23.58 12.78 12.45
CA TYR B 84 22.38 13.02 11.66
C TYR B 84 21.22 12.17 12.17
N GLY B 85 20.02 12.66 11.97
CA GLY B 85 18.85 11.93 12.41
C GLY B 85 17.56 12.47 11.84
N VAL B 86 16.45 11.85 12.21
CA VAL B 86 15.14 12.34 11.84
C VAL B 86 14.31 12.55 13.10
N ASN B 87 13.70 13.74 13.21
CA ASN B 87 12.69 13.99 14.22
C ASN B 87 11.36 13.56 13.62
N LEU B 88 10.83 12.46 14.14
CA LEU B 88 9.71 11.77 13.53
C LEU B 88 8.36 12.45 13.73
N ALA B 89 7.49 12.24 12.76
CA ALA B 89 6.10 12.64 12.81
C ALA B 89 5.27 11.48 12.31
N GLU B 90 3.94 11.57 12.43
CA GLU B 90 3.07 10.63 11.76
C GLU B 90 3.17 10.82 10.25
N LEU B 91 2.74 9.83 9.46
CA LEU B 91 2.93 9.89 8.02
C LEU B 91 2.15 11.01 7.33
N ASP B 92 1.10 11.50 7.98
CA ASP B 92 0.37 12.64 7.43
C ASP B 92 0.97 13.99 7.83
N GLY B 93 2.06 13.96 8.59
CA GLY B 93 2.77 15.17 8.97
C GLY B 93 2.36 15.74 10.31
N ASN B 94 1.30 15.19 10.89
CA ASN B 94 0.89 15.61 12.24
C ASN B 94 1.84 15.01 13.28
N PRO B 95 1.91 15.62 14.47
CA PRO B 95 2.91 15.19 15.45
C PRO B 95 2.69 13.78 15.95
N TYR B 96 3.77 13.07 16.22
CA TYR B 96 3.71 11.78 16.90
C TYR B 96 3.74 12.03 18.40
N HIS B 97 2.63 11.72 19.06
CA HIS B 97 2.45 12.02 20.48
C HIS B 97 2.70 10.81 21.39
N ALA B 98 2.87 9.65 20.78
CA ALA B 98 3.16 8.41 21.52
C ALA B 98 2.06 7.98 22.51
N PHE B 99 0.83 8.43 22.29
CA PHE B 99 -0.28 8.03 23.15
C PHE B 99 -0.68 6.58 22.91
N ASP B 100 -0.53 6.14 21.66
CA ASP B 100 -1.20 4.91 21.19
C ASP B 100 -0.26 3.84 20.68
N SER B 101 0.94 4.24 20.26
CA SER B 101 1.81 3.30 19.55
C SER B 101 3.27 3.49 19.96
N PRO B 102 4.08 2.43 19.82
CA PRO B 102 5.50 2.41 20.21
C PRO B 102 6.38 3.22 19.26
N ALA B 103 5.82 3.58 18.12
CA ALA B 103 6.46 4.45 17.15
C ALA B 103 5.32 5.04 16.30
N PRO B 104 5.63 5.98 15.41
CA PRO B 104 4.55 6.46 14.53
C PRO B 104 3.91 5.31 13.76
N LEU B 105 2.62 5.45 13.42
CA LEU B 105 1.96 4.38 12.69
C LEU B 105 2.67 4.06 11.38
N GLY B 106 2.75 2.77 11.05
CA GLY B 106 3.38 2.32 9.82
C GLY B 106 4.88 2.06 9.95
N PHE B 107 5.48 2.53 11.03
CA PHE B 107 6.92 2.39 11.21
C PHE B 107 7.37 0.93 11.02
N PRO B 108 8.50 0.70 10.31
CA PRO B 108 8.99 -0.67 10.14
C PRO B 108 9.17 -1.40 11.48
N ASP B 109 8.84 -2.69 11.51
CA ASP B 109 9.00 -3.46 12.75
C ASP B 109 10.07 -4.55 12.62
N PHE B 110 11.10 -4.23 11.84
CA PHE B 110 12.27 -5.09 11.72
C PHE B 110 13.34 -4.61 12.69
N GLY B 111 13.73 -5.48 13.61
CA GLY B 111 14.63 -5.09 14.68
C GLY B 111 16.04 -5.62 14.50
N ASN B 112 16.99 -4.89 15.08
CA ASN B 112 18.39 -5.29 15.09
C ASN B 112 18.98 -5.51 13.70
N CYS B 113 18.64 -4.64 12.76
CA CYS B 113 19.14 -4.78 11.41
C CYS B 113 19.32 -3.41 10.75
N ASP B 114 19.82 -3.42 9.51
CA ASP B 114 20.11 -2.20 8.79
C ASP B 114 19.01 -1.94 7.77
N LEU B 115 18.24 -0.88 8.01
CA LEU B 115 17.15 -0.50 7.14
C LEU B 115 17.68 0.42 6.05
N HIS B 116 17.55 0.00 4.80
CA HIS B 116 17.96 0.84 3.68
C HIS B 116 16.74 1.57 3.14
N MET B 117 16.67 2.86 3.44
CA MET B 117 15.51 3.68 3.12
C MET B 117 15.74 4.52 1.87
N THR B 118 14.68 4.68 1.08
CA THR B 118 14.64 5.69 0.04
C THR B 118 13.72 6.79 0.56
N PHE B 119 14.06 8.04 0.28
CA PHE B 119 13.23 9.13 0.77
C PHE B 119 13.05 10.26 -0.24
N VAL B 120 12.00 11.04 -0.02
CA VAL B 120 11.75 12.25 -0.80
C VAL B 120 11.34 13.39 0.12
N LYS B 121 11.75 14.61 -0.23
CA LYS B 121 11.20 15.79 0.41
C LYS B 121 9.69 15.78 0.17
N ILE B 122 8.91 16.26 1.14
CA ILE B 122 7.46 16.13 1.04
C ILE B 122 6.70 17.47 1.20
N ASN B 123 7.42 18.54 1.54
CA ASN B 123 6.81 19.87 1.56
C ASN B 123 6.57 20.33 0.13
N PRO B 124 5.32 20.71 -0.20
CA PRO B 124 5.09 21.15 -1.58
C PRO B 124 6.05 22.25 -2.06
N THR B 125 6.49 23.14 -1.16
CA THR B 125 7.39 24.21 -1.57
C THR B 125 8.77 23.68 -1.99
N GLU B 126 9.08 22.45 -1.58
CA GLU B 126 10.34 21.81 -1.93
C GLU B 126 10.18 20.88 -3.13
N LEU B 127 9.00 20.91 -3.73
CA LEU B 127 8.67 20.02 -4.84
C LEU B 127 8.26 20.78 -6.10
N SER B 128 8.84 21.97 -6.26
CA SER B 128 8.57 22.78 -7.45
C SER B 128 9.53 22.47 -8.60
N THR B 129 10.81 22.27 -8.27
CA THR B 129 11.84 21.96 -9.25
C THR B 129 12.85 21.00 -8.62
N GLY B 130 13.74 20.46 -9.44
CA GLY B 130 14.84 19.65 -8.94
C GLY B 130 14.50 18.21 -8.57
N ASP B 131 15.49 17.54 -7.98
CA ASP B 131 15.38 16.13 -7.59
C ASP B 131 15.20 16.11 -6.08
N PRO B 132 14.03 15.66 -5.62
CA PRO B 132 13.73 15.70 -4.18
C PRO B 132 14.20 14.46 -3.43
N SER B 133 14.88 13.54 -4.12
CA SER B 133 15.09 12.22 -3.56
C SER B 133 16.48 11.96 -2.97
N GLY B 134 16.51 10.98 -2.07
CA GLY B 134 17.77 10.51 -1.52
C GLY B 134 17.61 9.10 -0.98
N LYS B 135 18.66 8.62 -0.32
CA LYS B 135 18.62 7.32 0.32
C LYS B 135 19.50 7.38 1.55
N VAL B 136 19.25 6.49 2.50
CA VAL B 136 19.96 6.51 3.77
C VAL B 136 19.77 5.20 4.51
N VAL B 137 20.76 4.85 5.33
CA VAL B 137 20.66 3.67 6.18
C VAL B 137 20.30 4.06 7.59
N ILE B 138 19.35 3.32 8.16
CA ILE B 138 18.94 3.52 9.55
C ILE B 138 19.09 2.21 10.31
N HIS B 139 19.92 2.22 11.36
CA HIS B 139 20.06 1.05 12.23
C HIS B 139 18.87 0.92 13.17
N SER B 140 18.21 -0.25 13.18
CA SER B 140 17.14 -0.47 14.16
C SER B 140 17.69 -1.07 15.45
N TYR B 141 18.71 -0.39 15.99
CA TYR B 141 19.38 -0.82 17.21
C TYR B 141 20.21 0.32 17.76
N ASP B 142 20.71 0.13 18.99
CA ASP B 142 21.39 1.17 19.77
C ASP B 142 20.41 2.20 20.35
N ALA B 143 20.84 2.91 21.38
CA ALA B 143 19.98 3.87 22.06
C ALA B 143 19.59 5.04 21.15
N THR B 144 20.39 5.26 20.11
CA THR B 144 20.10 6.31 19.14
C THR B 144 18.95 5.96 18.19
N PHE B 145 18.54 4.69 18.20
CA PHE B 145 17.30 4.29 17.55
C PHE B 145 16.22 4.33 18.62
N ALA B 146 15.49 5.45 18.68
CA ALA B 146 14.55 5.69 19.75
C ALA B 146 13.24 6.26 19.19
N PRO B 147 12.62 5.55 18.24
CA PRO B 147 11.42 6.10 17.59
C PRO B 147 10.27 6.37 18.57
N HIS B 148 10.22 5.64 19.69
CA HIS B 148 9.20 5.90 20.69
C HIS B 148 9.37 7.30 21.29
N LEU B 149 10.62 7.76 21.34
CA LEU B 149 10.93 9.11 21.81
C LEU B 149 10.99 10.12 20.66
N GLY B 150 10.62 9.67 19.46
CA GLY B 150 10.52 10.56 18.31
C GLY B 150 11.77 10.79 17.49
N THR B 151 12.82 10.02 17.73
CA THR B 151 14.09 10.26 17.05
CA THR B 151 14.09 10.26 17.05
C THR B 151 14.79 8.97 16.63
N VAL B 152 15.37 8.97 15.43
CA VAL B 152 16.23 7.89 14.99
C VAL B 152 17.49 8.46 14.35
N LYS B 153 18.62 7.78 14.56
CA LYS B 153 19.88 8.18 13.94
C LYS B 153 19.94 7.73 12.49
N LEU B 154 20.42 8.62 11.62
CA LEU B 154 20.72 8.28 10.24
C LEU B 154 22.21 8.06 10.10
N GLU B 155 22.61 7.00 9.39
CA GLU B 155 24.02 6.81 9.12
C GLU B 155 24.46 7.86 8.10
N ASP B 156 25.56 8.55 8.38
CA ASP B 156 26.01 9.60 7.47
C ASP B 156 26.56 8.97 6.19
N ASN B 157 25.91 9.26 5.06
CA ASN B 157 26.39 8.76 3.78
C ASN B 157 26.96 9.90 2.92
N ASN B 158 27.26 11.01 3.57
CA ASN B 158 27.89 12.16 2.91
C ASN B 158 26.94 12.88 1.96
N GLU B 159 25.66 12.52 1.99
CA GLU B 159 24.69 13.09 1.06
C GLU B 159 23.46 13.62 1.78
N LEU B 160 23.59 13.92 3.07
CA LEU B 160 22.43 14.31 3.87
C LEU B 160 22.30 15.81 4.10
N ASP B 161 23.38 16.55 3.87
CA ASP B 161 23.38 17.95 4.28
C ASP B 161 22.33 18.82 3.57
N GLN B 162 22.09 18.55 2.29
CA GLN B 162 21.11 19.32 1.54
CA GLN B 162 21.11 19.27 1.51
C GLN B 162 19.71 19.11 2.10
N PHE B 163 19.53 18.07 2.91
CA PHE B 163 18.21 17.77 3.47
C PHE B 163 18.04 18.20 4.92
N VAL B 164 19.09 18.74 5.53
CA VAL B 164 18.99 19.15 6.92
C VAL B 164 17.98 20.27 7.04
N GLY B 165 17.05 20.11 7.97
CA GLY B 165 15.97 21.07 8.15
C GLY B 165 14.77 20.82 7.25
N LYS B 166 14.85 19.82 6.38
CA LYS B 166 13.77 19.51 5.44
C LYS B 166 12.93 18.33 5.90
N GLU B 167 11.63 18.40 5.65
CA GLU B 167 10.74 17.28 5.95
C GLU B 167 10.75 16.27 4.81
N VAL B 168 10.87 14.99 5.17
CA VAL B 168 10.90 13.94 4.17
C VAL B 168 9.99 12.79 4.57
N VAL B 169 9.58 12.02 3.57
CA VAL B 169 8.97 10.72 3.84
CA VAL B 169 8.95 10.72 3.83
C VAL B 169 9.93 9.64 3.38
N LEU B 170 10.09 8.62 4.20
CA LEU B 170 11.01 7.54 3.91
C LEU B 170 10.26 6.24 3.73
N GLU B 171 10.78 5.38 2.85
CA GLU B 171 10.20 4.06 2.66
C GLU B 171 11.28 3.00 2.67
N LEU B 172 10.93 1.81 3.14
CA LEU B 172 11.89 0.73 3.26
C LEU B 172 12.14 0.07 1.91
N THR B 173 13.34 0.26 1.36
CA THR B 173 13.69 -0.30 0.06
C THR B 173 14.23 -1.73 0.20
N TRP B 174 15.16 -1.91 1.13
CA TRP B 174 15.68 -3.25 1.40
C TRP B 174 16.33 -3.30 2.78
N VAL B 175 16.67 -4.49 3.23
CA VAL B 175 17.18 -4.69 4.57
C VAL B 175 18.43 -5.59 4.52
N SER B 176 19.43 -5.26 5.32
CA SER B 176 20.58 -6.15 5.49
C SER B 176 20.77 -6.46 6.97
N ASN B 177 21.50 -7.54 7.24
CA ASN B 177 21.82 -7.86 8.63
C ASN B 177 22.76 -6.81 9.22
N ARG B 178 22.64 -6.64 10.53
CA ARG B 178 23.63 -5.91 11.30
C ARG B 178 24.92 -6.73 11.31
N THR B 179 26.05 -6.07 11.10
CA THR B 179 27.32 -6.76 11.13
C THR B 179 27.44 -7.55 12.43
N GLY B 180 27.80 -8.82 12.31
CA GLY B 180 27.95 -9.68 13.47
C GLY B 180 26.72 -10.48 13.84
N ALA B 181 25.60 -10.18 13.17
CA ALA B 181 24.33 -10.83 13.48
C ALA B 181 23.68 -11.44 12.25
N THR B 182 22.79 -12.40 12.47
CA THR B 182 21.94 -12.88 11.39
C THR B 182 20.76 -11.93 11.25
N LEU B 183 20.12 -11.96 10.08
CA LEU B 183 18.92 -11.15 9.87
C LEU B 183 17.72 -11.91 10.40
N ASN B 184 17.29 -11.55 11.61
CA ASN B 184 16.24 -12.26 12.33
C ASN B 184 14.93 -11.50 12.19
N LEU B 185 14.01 -12.02 11.40
CA LEU B 185 12.77 -11.32 11.12
C LEU B 185 11.72 -11.49 12.23
N TRP B 186 12.07 -12.22 13.29
CA TRP B 186 11.24 -12.34 14.48
C TRP B 186 11.61 -11.31 15.55
N ALA B 187 12.75 -10.67 15.38
CA ALA B 187 13.22 -9.71 16.37
C ALA B 187 12.26 -8.54 16.50
N VAL B 188 11.95 -8.15 17.74
CA VAL B 188 11.16 -6.96 18.00
C VAL B 188 12.13 -5.79 18.17
N PRO B 189 11.93 -4.69 17.42
CA PRO B 189 12.81 -3.53 17.64
C PRO B 189 12.74 -3.05 19.09
N ASN B 190 13.85 -2.54 19.60
CA ASN B 190 13.79 -1.77 20.84
C ASN B 190 13.43 -0.33 20.51
N TYR B 191 12.15 0.00 20.60
CA TYR B 191 11.65 1.30 20.16
C TYR B 191 12.04 2.42 21.11
N GLY B 192 12.42 2.04 22.32
CA GLY B 192 12.79 3.02 23.32
C GLY B 192 11.75 3.13 24.43
N SER B 193 12.22 3.48 25.62
CA SER B 193 11.33 3.65 26.76
C SER B 193 11.37 5.10 27.17
N ASN B 194 10.26 5.58 27.71
CA ASN B 194 10.15 6.97 28.15
C ASN B 194 9.65 7.03 29.58
N LEU B 195 10.58 6.93 30.54
CA LEU B 195 10.24 6.96 31.96
C LEU B 195 9.07 6.03 32.30
N THR B 196 7.94 6.56 32.77
CA THR B 196 6.83 5.71 33.19
C THR B 196 5.84 5.40 32.06
N GLN B 197 6.03 5.99 30.90
CA GLN B 197 5.05 5.82 29.83
C GLN B 197 4.97 4.36 29.35
N ALA B 198 3.76 3.90 29.08
CA ALA B 198 3.55 2.56 28.55
C ALA B 198 4.28 2.34 27.22
N SER B 199 4.74 1.11 26.99
CA SER B 199 5.45 0.78 25.75
C SER B 199 4.54 0.92 24.54
N GLN B 200 3.26 0.60 24.73
CA GLN B 200 2.25 0.56 23.67
C GLN B 200 2.46 -0.59 22.69
N LEU B 201 3.33 -1.54 23.01
CA LEU B 201 3.60 -2.66 22.11
C LEU B 201 2.39 -3.56 21.96
N ALA B 202 2.12 -3.99 20.73
CA ALA B 202 1.19 -5.09 20.53
C ALA B 202 1.79 -6.29 21.24
N PRO B 203 0.94 -7.11 21.90
CA PRO B 203 1.47 -8.17 22.75
C PRO B 203 2.06 -9.35 21.97
N PRO B 204 2.92 -10.14 22.62
CA PRO B 204 3.39 -11.37 22.00
C PRO B 204 2.22 -12.34 21.79
N ILE B 205 2.33 -13.19 20.78
CA ILE B 205 1.34 -14.24 20.56
C ILE B 205 2.02 -15.56 20.90
N TYR B 206 1.53 -16.21 21.94
CA TYR B 206 2.10 -17.50 22.33
C TYR B 206 1.46 -18.63 21.53
N PRO B 207 2.30 -19.46 20.91
CA PRO B 207 1.83 -20.62 20.16
C PRO B 207 0.87 -21.46 20.98
N PRO B 208 -0.21 -21.92 20.34
CA PRO B 208 -1.30 -22.69 20.96
C PRO B 208 -0.86 -24.07 21.40
N GLY B 209 0.07 -24.68 20.67
CA GLY B 209 0.46 -26.04 20.98
C GLY B 209 -0.65 -27.03 20.70
N PHE B 210 -0.50 -28.24 21.22
CA PHE B 210 -1.49 -29.31 21.02
C PHE B 210 -1.81 -29.55 19.55
N GLY B 211 -0.77 -29.50 18.72
CA GLY B 211 -0.90 -29.81 17.30
C GLY B 211 -1.13 -28.59 16.43
N GLU B 212 -1.59 -27.50 17.03
CA GLU B 212 -1.81 -26.28 16.26
C GLU B 212 -0.51 -25.51 16.12
N ALA B 213 -0.41 -24.73 15.05
CA ALA B 213 0.74 -23.90 14.80
C ALA B 213 0.25 -22.59 14.18
N ILE B 214 0.87 -21.47 14.56
CA ILE B 214 0.55 -20.17 13.99
C ILE B 214 0.84 -20.18 12.49
N VAL B 215 -0.09 -19.62 11.72
CA VAL B 215 0.11 -19.47 10.28
C VAL B 215 0.73 -18.11 9.97
N TYR B 216 1.80 -18.12 9.19
CA TYR B 216 2.42 -16.88 8.76
C TYR B 216 2.19 -16.71 7.26
N PHE B 217 1.82 -15.50 6.88
CA PHE B 217 1.67 -15.13 5.48
C PHE B 217 2.99 -14.52 5.04
N THR B 218 3.54 -15.02 3.94
CA THR B 218 4.87 -14.62 3.54
C THR B 218 4.90 -13.84 2.23
N SER B 219 5.92 -13.01 2.08
CA SER B 219 6.19 -12.32 0.83
C SER B 219 7.68 -12.38 0.53
N THR B 220 8.01 -12.67 -0.72
CA THR B 220 9.40 -12.51 -1.16
C THR B 220 9.74 -11.03 -1.17
N PHE B 221 10.86 -10.68 -0.56
CA PHE B 221 11.22 -9.28 -0.33
C PHE B 221 12.72 -9.24 -0.11
N PRO B 222 13.36 -8.10 -0.45
CA PRO B 222 14.82 -8.01 -0.30
C PRO B 222 15.29 -7.76 1.13
N THR B 223 14.88 -8.65 2.03
CA THR B 223 15.56 -8.82 3.30
C THR B 223 16.73 -9.75 2.97
N VAL B 224 17.86 -9.15 2.64
CA VAL B 224 18.97 -9.91 2.05
C VAL B 224 19.57 -10.87 3.06
N SER B 225 19.73 -12.13 2.64
CA SER B 225 20.17 -13.27 3.47
C SER B 225 19.00 -14.00 4.11
N ASN B 226 17.80 -13.44 3.96
CA ASN B 226 16.59 -14.06 4.46
C ASN B 226 15.36 -13.47 3.77
N PRO B 227 15.25 -13.70 2.44
CA PRO B 227 14.34 -12.92 1.60
C PRO B 227 12.88 -13.40 1.60
N LYS B 228 12.36 -13.70 2.78
CA LYS B 228 10.98 -14.12 2.93
C LYS B 228 10.42 -13.50 4.21
N VAL B 229 9.53 -12.53 4.08
CA VAL B 229 9.02 -11.79 5.24
C VAL B 229 7.71 -12.41 5.74
N PRO B 230 7.71 -12.90 6.99
CA PRO B 230 6.49 -13.47 7.58
C PRO B 230 5.68 -12.41 8.31
N CYS B 231 4.35 -12.52 8.25
CA CYS B 231 3.47 -11.65 9.02
C CYS B 231 2.30 -12.48 9.54
N THR B 232 1.57 -11.97 10.53
CA THR B 232 0.49 -12.77 11.13
C THR B 232 -0.92 -12.50 10.57
N LEU B 233 -1.06 -11.45 9.76
CA LEU B 233 -2.31 -11.18 9.05
C LEU B 233 -2.05 -10.45 7.75
N PRO B 234 -2.82 -10.79 6.69
CA PRO B 234 -2.76 -9.94 5.50
C PRO B 234 -3.29 -8.54 5.84
N GLN B 235 -2.72 -7.53 5.20
CA GLN B 235 -3.11 -6.15 5.51
C GLN B 235 -4.60 -5.91 5.30
N GLU B 236 -5.17 -6.49 4.25
CA GLU B 236 -6.58 -6.25 3.95
C GLU B 236 -7.52 -6.91 4.97
N PHE B 237 -7.03 -7.89 5.72
CA PHE B 237 -7.80 -8.40 6.87
C PHE B 237 -7.92 -7.29 7.92
N VAL B 238 -6.83 -6.54 8.12
CA VAL B 238 -6.83 -5.47 9.11
C VAL B 238 -7.87 -4.40 8.79
N SER B 239 -7.84 -3.88 7.57
CA SER B 239 -8.82 -2.85 7.19
C SER B 239 -10.23 -3.41 7.19
N HIS B 240 -10.37 -4.68 6.82
CA HIS B 240 -11.68 -5.33 6.86
C HIS B 240 -12.25 -5.31 8.28
N PHE B 241 -11.46 -5.74 9.26
CA PHE B 241 -11.96 -5.80 10.64
C PHE B 241 -12.20 -4.40 11.19
N VAL B 242 -11.33 -3.45 10.86
CA VAL B 242 -11.53 -2.07 11.32
C VAL B 242 -12.83 -1.54 10.75
N ASN B 243 -13.10 -1.87 9.49
CA ASN B 243 -14.31 -1.41 8.85
C ASN B 243 -15.56 -2.03 9.48
N GLU B 244 -15.50 -3.33 9.73
CA GLU B 244 -16.69 -4.07 10.17
C GLU B 244 -17.03 -3.86 11.64
N GLN B 245 -16.00 -3.85 12.49
CA GLN B 245 -16.23 -3.74 13.93
C GLN B 245 -17.26 -4.78 14.38
N ALA B 246 -17.17 -5.99 13.83
CA ALA B 246 -18.11 -7.04 14.17
C ALA B 246 -17.83 -7.57 15.57
N PRO B 247 -18.86 -7.62 16.42
CA PRO B 247 -18.62 -8.14 17.77
C PRO B 247 -18.08 -9.57 17.72
N THR B 248 -17.11 -9.87 18.58
CA THR B 248 -16.52 -11.20 18.65
C THR B 248 -17.40 -12.10 19.51
N ARG B 249 -18.08 -13.04 18.87
CA ARG B 249 -19.14 -13.79 19.53
C ARG B 249 -18.72 -15.18 19.99
N GLY B 250 -17.46 -15.54 19.72
CA GLY B 250 -16.94 -16.82 20.16
C GLY B 250 -15.48 -16.67 20.52
N ASP B 251 -14.88 -17.74 21.02
CA ASP B 251 -13.48 -17.69 21.42
C ASP B 251 -12.54 -17.96 20.26
N ALA B 252 -13.10 -18.43 19.15
CA ALA B 252 -12.33 -18.61 17.93
C ALA B 252 -13.27 -18.64 16.71
N ALA B 253 -12.73 -18.26 15.55
CA ALA B 253 -13.50 -18.29 14.31
C ALA B 253 -12.96 -19.37 13.38
N LEU B 254 -13.84 -20.29 12.97
CA LEU B 254 -13.46 -21.34 12.04
C LEU B 254 -13.52 -20.80 10.62
N LEU B 255 -12.41 -20.92 9.89
CA LEU B 255 -12.35 -20.51 8.50
C LEU B 255 -12.11 -21.71 7.61
N HIS B 256 -12.65 -21.66 6.40
CA HIS B 256 -12.23 -22.57 5.33
C HIS B 256 -11.42 -21.76 4.34
N TYR B 257 -10.40 -22.39 3.76
CA TYR B 257 -9.61 -21.79 2.70
C TYR B 257 -10.04 -22.51 1.41
N VAL B 258 -10.77 -21.79 0.56
CA VAL B 258 -11.47 -22.44 -0.56
C VAL B 258 -10.89 -22.12 -1.93
N ASP B 259 -10.92 -23.12 -2.81
CA ASP B 259 -10.52 -22.93 -4.20
C ASP B 259 -11.48 -21.93 -4.84
N PRO B 260 -10.92 -20.91 -5.51
CA PRO B 260 -11.74 -19.82 -6.05
C PRO B 260 -12.60 -20.28 -7.21
N ASP B 261 -12.19 -21.34 -7.89
CA ASP B 261 -12.93 -21.88 -9.01
C ASP B 261 -13.89 -22.97 -8.55
N THR B 262 -13.34 -24.12 -8.19
CA THR B 262 -14.12 -25.29 -7.80
C THR B 262 -14.90 -25.04 -6.52
N HIS B 263 -14.41 -24.10 -5.71
CA HIS B 263 -15.03 -23.80 -4.42
C HIS B 263 -14.93 -24.96 -3.41
N ARG B 264 -13.98 -25.86 -3.65
CA ARG B 264 -13.68 -26.92 -2.70
C ARG B 264 -12.94 -26.36 -1.49
N ASN B 265 -13.28 -26.88 -0.30
CA ASN B 265 -12.53 -26.54 0.90
C ASN B 265 -11.16 -27.18 0.86
N LEU B 266 -10.12 -26.36 0.96
CA LEU B 266 -8.74 -26.86 0.83
C LEU B 266 -8.07 -27.05 2.19
N GLY B 267 -8.69 -26.54 3.24
CA GLY B 267 -8.12 -26.64 4.57
C GLY B 267 -8.84 -25.77 5.57
N GLU B 268 -8.89 -26.24 6.82
CA GLU B 268 -9.54 -25.52 7.90
C GLU B 268 -8.51 -24.73 8.69
N PHE B 269 -8.91 -23.55 9.16
CA PHE B 269 -8.06 -22.71 9.99
C PHE B 269 -8.87 -22.16 11.16
N LYS B 270 -8.19 -21.84 12.27
CA LYS B 270 -8.82 -21.14 13.38
C LYS B 270 -8.24 -19.74 13.51
N MET B 271 -9.11 -18.74 13.63
CA MET B 271 -8.69 -17.39 13.93
C MET B 271 -9.05 -17.09 15.38
N TYR B 272 -8.11 -16.51 16.11
CA TYR B 272 -8.35 -16.18 17.51
C TYR B 272 -8.59 -14.67 17.64
N PRO B 273 -9.31 -14.26 18.70
CA PRO B 273 -9.71 -12.86 18.92
C PRO B 273 -8.53 -11.89 18.84
N GLU B 274 -7.34 -12.34 19.20
CA GLU B 274 -6.14 -11.49 19.19
C GLU B 274 -5.68 -11.12 17.78
N GLY B 275 -6.24 -11.75 16.78
CA GLY B 275 -5.96 -11.41 15.39
C GLY B 275 -4.82 -12.18 14.77
N TYR B 276 -4.91 -13.50 14.82
CA TYR B 276 -3.95 -14.36 14.14
C TYR B 276 -4.66 -15.68 13.85
N MET B 277 -4.02 -16.51 13.04
CA MET B 277 -4.64 -17.72 12.54
C MET B 277 -3.74 -18.90 12.88
N THR B 278 -4.35 -20.07 13.11
CA THR B 278 -3.59 -21.30 13.27
C THR B 278 -4.12 -22.41 12.36
N CYS B 279 -3.32 -23.46 12.22
CA CYS B 279 -3.72 -24.64 11.51
C CYS B 279 -3.12 -25.84 12.23
N VAL B 280 -3.52 -27.03 11.80
CA VAL B 280 -2.86 -28.25 12.26
C VAL B 280 -2.10 -28.83 11.08
N PRO B 281 -0.77 -28.62 11.04
CA PRO B 281 0.04 -29.10 9.91
C PRO B 281 -0.07 -30.61 9.74
N ASN B 282 -0.11 -31.04 8.48
CA ASN B 282 -0.14 -32.46 8.15
C ASN B 282 1.25 -33.00 7.84
N GLY B 286 1.77 -29.08 5.69
CA GLY B 286 1.45 -27.78 6.25
C GLY B 286 0.90 -26.83 5.20
N PRO B 287 0.50 -25.63 5.62
CA PRO B 287 -0.15 -24.67 4.72
C PRO B 287 0.74 -24.26 3.55
N GLN B 288 2.05 -24.47 3.69
CA GLN B 288 3.00 -24.08 2.66
C GLN B 288 2.74 -24.80 1.35
N THR B 289 2.11 -25.97 1.42
CA THR B 289 1.86 -26.78 0.23
C THR B 289 0.55 -26.42 -0.47
N LEU B 290 -0.25 -25.56 0.16
CA LEU B 290 -1.52 -25.15 -0.41
C LEU B 290 -1.34 -24.16 -1.56
N PRO B 291 -2.25 -24.17 -2.54
CA PRO B 291 -2.27 -23.12 -3.55
C PRO B 291 -2.42 -21.76 -2.86
N ILE B 292 -1.88 -20.72 -3.48
CA ILE B 292 -1.88 -19.41 -2.83
C ILE B 292 -3.00 -18.51 -3.31
N ASN B 293 -3.87 -19.04 -4.19
CA ASN B 293 -4.95 -18.23 -4.76
C ASN B 293 -6.32 -18.55 -4.18
N GLY B 294 -6.32 -19.19 -3.01
CA GLY B 294 -7.56 -19.52 -2.33
C GLY B 294 -8.18 -18.33 -1.62
N VAL B 295 -9.43 -18.49 -1.20
CA VAL B 295 -10.15 -17.46 -0.48
C VAL B 295 -10.56 -17.95 0.89
N PHE B 296 -10.24 -17.19 1.93
CA PHE B 296 -10.67 -17.53 3.27
C PHE B 296 -12.14 -17.19 3.44
N VAL B 297 -12.87 -18.07 4.10
CA VAL B 297 -14.30 -17.88 4.34
C VAL B 297 -14.64 -18.20 5.79
N PHE B 298 -15.30 -17.27 6.47
CA PHE B 298 -15.79 -17.49 7.82
C PHE B 298 -16.94 -18.50 7.81
N ILE B 299 -16.78 -19.57 8.58
CA ILE B 299 -17.78 -20.64 8.66
C ILE B 299 -18.65 -20.47 9.89
N SER B 300 -18.01 -20.36 11.06
CA SER B 300 -18.73 -20.29 12.32
C SER B 300 -17.84 -19.88 13.48
N TRP B 301 -18.45 -19.31 14.51
CA TRP B 301 -17.77 -19.15 15.79
C TRP B 301 -17.69 -20.52 16.45
N VAL B 302 -16.52 -20.86 16.95
CA VAL B 302 -16.33 -22.14 17.62
C VAL B 302 -15.61 -21.93 18.95
N SER B 303 -15.54 -22.99 19.73
CA SER B 303 -14.79 -22.98 20.98
C SER B 303 -13.30 -22.77 20.72
N ARG B 304 -12.61 -22.19 21.70
CA ARG B 304 -11.16 -22.02 21.57
C ARG B 304 -10.49 -23.38 21.50
N TYR B 305 -11.23 -24.42 21.89
CA TYR B 305 -10.69 -25.77 21.92
C TYR B 305 -11.13 -26.59 20.71
N TYR B 306 -11.78 -25.95 19.76
CA TYR B 306 -12.24 -26.63 18.55
C TYR B 306 -11.10 -27.41 17.91
N GLN B 307 -11.39 -28.65 17.52
CA GLN B 307 -10.35 -29.54 16.98
C GLN B 307 -10.28 -29.51 15.47
N LEU B 308 -9.16 -29.01 14.95
CA LEU B 308 -8.90 -28.99 13.50
C LEU B 308 -8.39 -30.34 13.03
#